data_5J4P
#
_entry.id   5J4P
#
_entity_poly.entity_id   1
_entity_poly.type   'polydeoxyribonucleotide'
_entity_poly.pdbx_seq_one_letter_code
;(DG)(DG)(DT)(DT)(DT)(DG)(DG)(DT)(DT)(DT)(DT)(DG)(DG)(DT)(DT)(DT)(DG)(DG)
;
_entity_poly.pdbx_strand_id   A
#